data_7CQM
#
_entry.id   7CQM
#
_cell.length_a   53.877
_cell.length_b   88.990
_cell.length_c   53.982
_cell.angle_alpha   90.000
_cell.angle_beta   95.190
_cell.angle_gamma   90.000
#
_symmetry.space_group_name_H-M   'P 1 21 1'
#
loop_
_entity.id
_entity.type
_entity.pdbx_description
1 polymer 'Glycerol-3-phosphate acyltransferase'
2 non-polymer selenourea
3 non-polymer 'SULFATE ION'
4 non-polymer '(2R)-2,3-dihydroxypropyl (7Z)-hexadec-7-enoate'
5 water water
#
_entity_poly.entity_id   1
_entity_poly.type   'polypeptide(L)'
_entity_poly.pdbx_seq_one_letter_code
;MGSALFLVIFAYLLGSITFGEVIAKLKGVDLRNVGSGNVGATNVTRALGKKYGVLVFFLDFLKGFIPALIAVKSFGIDSW
VLTFTGLASVLGHMYPVFFGFKGGKGVATALGVVFAVSPSVALFSFLVWLGIFLWKRYVSLASITATISAFLFLFVAGYP
VNVLFMAIVIGALIIYRHRENINRLLTGREHRFGTLEVLFQ
;
_entity_poly.pdbx_strand_id   A,B
#
# COMPACT_ATOMS: atom_id res chain seq x y z
N GLY A 2 -0.44 12.98 -32.38
CA GLY A 2 0.90 12.84 -32.97
C GLY A 2 2.01 13.30 -32.04
N SER A 3 1.93 14.53 -31.55
CA SER A 3 2.91 15.04 -30.56
C SER A 3 2.91 14.12 -29.32
N ALA A 4 1.78 13.49 -29.02
CA ALA A 4 1.69 12.59 -27.84
C ALA A 4 2.54 11.35 -28.05
N LEU A 5 2.49 10.76 -29.24
CA LEU A 5 3.31 9.56 -29.54
C LEU A 5 4.77 9.98 -29.54
N PHE A 6 5.09 11.15 -30.09
CA PHE A 6 6.52 11.52 -30.09
C PHE A 6 7.02 11.71 -28.64
N LEU A 7 6.18 12.24 -27.76
CA LEU A 7 6.65 12.46 -26.36
C LEU A 7 6.87 11.10 -25.67
N VAL A 8 5.99 10.13 -25.95
CA VAL A 8 6.09 8.80 -25.31
C VAL A 8 7.38 8.13 -25.82
N ILE A 9 7.68 8.28 -27.11
CA ILE A 9 8.93 7.70 -27.67
C ILE A 9 10.13 8.46 -27.08
N PHE A 10 10.07 9.79 -27.04
CA PHE A 10 11.15 10.58 -26.40
C PHE A 10 11.39 10.03 -24.96
N ALA A 11 10.32 9.89 -24.17
CA ALA A 11 10.44 9.41 -22.77
C ALA A 11 11.15 8.05 -22.73
N TYR A 12 10.78 7.12 -23.61
CA TYR A 12 11.43 5.79 -23.66
C TYR A 12 12.94 5.91 -23.98
N LEU A 13 13.31 6.73 -24.97
CA LEU A 13 14.73 6.90 -25.38
C LEU A 13 15.51 7.74 -24.34
N LEU A 14 14.93 8.79 -23.77
CA LEU A 14 15.70 9.55 -22.76
C LEU A 14 15.85 8.62 -21.55
N GLY A 15 14.79 7.87 -21.23
CA GLY A 15 14.86 6.95 -20.07
C GLY A 15 15.82 5.82 -20.30
N SER A 16 16.09 5.53 -21.59
CA SER A 16 17.02 4.44 -21.93
C SER A 16 18.48 4.82 -21.61
N ILE A 17 18.81 6.12 -21.43
CA ILE A 17 20.25 6.55 -21.46
C ILE A 17 20.96 5.96 -20.22
N THR A 18 22.11 5.32 -20.45
CA THR A 18 22.85 4.59 -19.39
C THR A 18 23.87 5.57 -18.80
N PHE A 19 23.39 6.70 -18.27
CA PHE A 19 24.34 7.62 -17.58
C PHE A 19 25.27 6.88 -16.63
N GLY A 20 24.77 5.95 -15.78
CA GLY A 20 25.65 5.21 -14.86
C GLY A 20 26.85 4.61 -15.57
N GLU A 21 26.63 3.99 -16.74
CA GLU A 21 27.73 3.33 -17.50
C GLU A 21 28.70 4.39 -18.05
N VAL A 22 28.17 5.49 -18.63
CA VAL A 22 29.06 6.56 -19.18
C VAL A 22 30.01 7.02 -18.07
N ILE A 23 29.48 7.24 -16.87
CA ILE A 23 30.29 7.81 -15.76
C ILE A 23 31.23 6.72 -15.19
N ALA A 24 30.74 5.49 -15.06
CA ALA A 24 31.57 4.37 -14.53
C ALA A 24 32.77 4.10 -15.46
N LYS A 25 32.55 4.09 -16.77
CA LYS A 25 33.63 3.79 -17.76
C LYS A 25 34.79 4.80 -17.65
N LEU A 26 34.48 6.09 -17.47
CA LEU A 26 35.49 7.15 -17.23
C LEU A 26 36.30 6.86 -15.95
N LYS A 27 35.77 6.03 -15.03
CA LYS A 27 36.52 5.65 -13.80
C LYS A 27 37.10 4.24 -13.95
N GLY A 28 37.09 3.69 -15.17
CA GLY A 28 37.64 2.34 -15.47
C GLY A 28 36.72 1.20 -15.08
N VAL A 29 35.45 1.48 -14.82
CA VAL A 29 34.55 0.38 -14.36
C VAL A 29 33.50 0.10 -15.45
N ASP A 30 33.24 -1.18 -15.77
CA ASP A 30 32.01 -1.63 -16.47
C ASP A 30 31.01 -2.18 -15.44
N LEU A 31 29.86 -1.52 -15.31
CA LEU A 31 28.86 -1.90 -14.29
C LEU A 31 28.27 -3.30 -14.53
N ARG A 32 28.33 -3.86 -15.77
CA ARG A 32 27.86 -5.24 -16.01
C ARG A 32 28.73 -6.25 -15.25
N ASN A 33 29.90 -5.82 -14.73
CA ASN A 33 30.90 -6.74 -14.12
C ASN A 33 31.11 -6.35 -12.66
N VAL A 34 30.12 -5.71 -12.04
CA VAL A 34 30.30 -5.38 -10.61
C VAL A 34 28.91 -5.33 -9.98
N GLY A 35 28.83 -5.81 -8.75
CA GLY A 35 27.57 -5.67 -8.00
C GLY A 35 26.43 -6.42 -8.66
N SER A 36 25.31 -5.71 -8.88
CA SER A 36 24.07 -6.25 -9.50
C SER A 36 24.25 -6.51 -10.99
N GLY A 37 25.30 -5.97 -11.63
CA GLY A 37 25.46 -6.00 -13.10
C GLY A 37 24.57 -4.97 -13.80
N ASN A 38 23.93 -4.07 -13.05
CA ASN A 38 22.93 -3.15 -13.65
C ASN A 38 23.46 -1.72 -13.72
N VAL A 39 22.80 -0.89 -14.53
CA VAL A 39 23.19 0.54 -14.67
C VAL A 39 22.15 1.41 -13.95
N GLY A 40 22.61 2.16 -12.95
CA GLY A 40 21.74 2.99 -12.10
C GLY A 40 22.53 3.56 -10.93
N ALA A 41 21.89 4.38 -10.09
CA ALA A 41 22.59 5.13 -9.04
C ALA A 41 23.07 4.15 -7.98
N THR A 42 22.33 3.06 -7.77
CA THR A 42 22.66 2.07 -6.71
C THR A 42 23.97 1.35 -7.07
N ASN A 43 24.04 0.76 -8.28
CA ASN A 43 25.28 0.06 -8.71
C ASN A 43 26.45 1.02 -8.92
N VAL A 44 26.20 2.27 -9.31
CA VAL A 44 27.30 3.27 -9.36
C VAL A 44 27.81 3.51 -7.95
N THR A 45 26.90 3.59 -6.97
CA THR A 45 27.32 3.74 -5.55
C THR A 45 28.16 2.51 -5.16
N ARG A 46 27.77 1.29 -5.55
CA ARG A 46 28.51 0.06 -5.13
C ARG A 46 29.94 0.10 -5.68
N ALA A 47 30.06 0.43 -6.96
CA ALA A 47 31.35 0.37 -7.69
C ALA A 47 32.23 1.58 -7.31
N LEU A 48 31.64 2.77 -7.21
CA LEU A 48 32.40 4.05 -7.24
C LEU A 48 32.12 4.98 -6.05
N GLY A 49 31.17 4.64 -5.19
CA GLY A 49 30.93 5.44 -3.97
C GLY A 49 29.85 6.49 -4.15
N LYS A 50 29.50 7.17 -3.06
CA LYS A 50 28.25 7.97 -2.98
C LYS A 50 28.36 9.27 -3.79
N LYS A 51 29.56 9.86 -3.92
CA LYS A 51 29.69 11.08 -4.76
C LYS A 51 29.21 10.78 -6.18
N TYR A 52 29.68 9.67 -6.76
CA TYR A 52 29.26 9.32 -8.15
C TYR A 52 27.79 8.85 -8.14
N GLY A 53 27.41 8.05 -7.14
CA GLY A 53 26.00 7.64 -6.94
C GLY A 53 25.01 8.79 -6.95
N VAL A 54 25.27 9.88 -6.20
CA VAL A 54 24.37 11.07 -6.12
C VAL A 54 24.26 11.73 -7.50
N LEU A 55 25.37 11.81 -8.24
CA LEU A 55 25.32 12.42 -9.60
C LEU A 55 24.39 11.57 -10.47
N VAL A 56 24.51 10.25 -10.38
CA VAL A 56 23.73 9.35 -11.29
C VAL A 56 22.27 9.32 -10.82
N PHE A 57 22.07 9.43 -9.51
CA PHE A 57 20.69 9.56 -8.97
C PHE A 57 20.00 10.77 -9.57
N PHE A 58 20.68 11.92 -9.54
CA PHE A 58 20.15 13.17 -10.14
C PHE A 58 19.87 12.96 -11.62
N LEU A 59 20.83 12.40 -12.36
CA LEU A 59 20.65 12.22 -13.82
C LEU A 59 19.49 11.26 -14.11
N ASP A 60 19.34 10.18 -13.32
CA ASP A 60 18.27 9.18 -13.56
C ASP A 60 16.92 9.81 -13.19
N PHE A 61 16.92 10.55 -12.08
CA PHE A 61 15.76 11.40 -11.72
C PHE A 61 15.38 12.27 -12.94
N LEU A 62 16.32 12.97 -13.56
CA LEU A 62 15.95 13.86 -14.69
C LEU A 62 15.37 13.06 -15.86
N LYS A 63 15.72 11.78 -16.00
CA LYS A 63 15.12 10.92 -17.06
C LYS A 63 13.63 10.76 -16.85
N GLY A 64 13.18 10.60 -15.60
CA GLY A 64 11.75 10.55 -15.33
C GLY A 64 11.14 11.94 -15.29
N PHE A 65 11.88 12.93 -14.77
CA PHE A 65 11.32 14.27 -14.49
C PHE A 65 11.00 15.02 -15.80
N ILE A 66 11.91 14.95 -16.76
CA ILE A 66 11.84 15.90 -17.92
C ILE A 66 10.69 15.51 -18.85
N PRO A 67 10.50 14.26 -19.31
CA PRO A 67 9.35 13.96 -20.17
C PRO A 67 8.00 14.15 -19.44
N ALA A 68 7.92 13.74 -18.17
CA ALA A 68 6.66 13.86 -17.39
C ALA A 68 6.30 15.35 -17.22
N LEU A 69 7.28 16.23 -16.97
CA LEU A 69 6.97 17.69 -16.84
C LEU A 69 6.46 18.23 -18.18
N ILE A 70 7.06 17.83 -19.30
CA ILE A 70 6.52 18.24 -20.62
C ILE A 70 5.07 17.72 -20.78
N ALA A 71 4.75 16.53 -20.24
CA ALA A 71 3.41 15.94 -20.46
C ALA A 71 2.42 16.69 -19.57
N VAL A 72 2.83 16.99 -18.34
CA VAL A 72 1.94 17.75 -17.41
C VAL A 72 1.65 19.12 -18.03
N LYS A 73 2.66 19.75 -18.59
CA LYS A 73 2.52 21.16 -19.06
C LYS A 73 1.87 21.20 -20.45
N SER A 74 1.93 20.13 -21.22
CA SER A 74 1.40 20.17 -22.62
C SER A 74 0.00 19.56 -22.71
N PHE A 75 -0.29 18.56 -21.86
CA PHE A 75 -1.48 17.71 -22.04
C PHE A 75 -2.31 17.79 -20.76
N GLY A 76 -1.64 17.89 -19.61
CA GLY A 76 -2.35 18.02 -18.32
C GLY A 76 -2.23 16.79 -17.44
N ILE A 77 -2.44 17.00 -16.15
CA ILE A 77 -2.41 15.95 -15.09
C ILE A 77 -3.39 14.83 -15.42
N ASP A 78 -4.53 15.17 -16.03
CA ASP A 78 -5.59 14.17 -16.32
C ASP A 78 -5.41 13.54 -17.68
N SER A 79 -4.31 13.82 -18.38
CA SER A 79 -4.08 13.18 -19.70
C SER A 79 -3.50 11.76 -19.54
N TRP A 80 -4.05 10.79 -20.25
CA TRP A 80 -3.38 9.46 -20.36
C TRP A 80 -2.03 9.57 -21.08
N VAL A 81 -1.75 10.70 -21.77
CA VAL A 81 -0.39 11.00 -22.31
C VAL A 81 0.64 11.01 -21.18
N LEU A 82 0.31 11.64 -20.05
CA LEU A 82 1.23 11.67 -18.88
C LEU A 82 1.47 10.24 -18.40
N THR A 83 0.39 9.46 -18.28
CA THR A 83 0.46 8.06 -17.80
C THR A 83 1.54 7.33 -18.60
N PHE A 84 1.45 7.41 -19.93
CA PHE A 84 2.36 6.57 -20.76
C PHE A 84 3.75 7.21 -20.87
N THR A 85 3.87 8.53 -20.73
CA THR A 85 5.19 9.21 -20.70
C THR A 85 5.96 8.72 -19.45
N GLY A 86 5.30 8.70 -18.30
CA GLY A 86 6.05 8.28 -17.09
C GLY A 86 6.40 6.81 -17.15
N LEU A 87 5.47 6.00 -17.64
CA LEU A 87 5.73 4.54 -17.77
C LEU A 87 6.87 4.32 -18.78
N ALA A 88 6.85 5.10 -19.87
CA ALA A 88 7.92 4.94 -20.88
C ALA A 88 9.28 5.26 -20.25
N SER A 89 9.38 6.30 -19.42
CA SER A 89 10.69 6.71 -18.83
C SER A 89 11.23 5.56 -17.97
N VAL A 90 10.34 4.96 -17.20
CA VAL A 90 10.76 3.94 -16.20
C VAL A 90 11.06 2.60 -16.91
N LEU A 91 10.25 2.22 -17.89
CA LEU A 91 10.53 0.95 -18.62
C LEU A 91 11.81 1.12 -19.46
N GLY A 92 12.01 2.31 -20.02
CA GLY A 92 13.25 2.61 -20.76
C GLY A 92 14.45 2.57 -19.84
N HIS A 93 14.29 3.02 -18.60
CA HIS A 93 15.41 2.91 -17.63
C HIS A 93 15.74 1.45 -17.35
N MET A 94 14.72 0.68 -17.03
CA MET A 94 14.93 -0.73 -16.60
C MET A 94 15.36 -1.59 -17.80
N TYR A 95 14.74 -1.34 -18.96
CA TYR A 95 14.87 -2.20 -20.18
C TYR A 95 15.19 -1.31 -21.38
N PRO A 96 16.41 -0.75 -21.45
CA PRO A 96 16.72 0.31 -22.41
C PRO A 96 16.81 -0.18 -23.87
N VAL A 97 16.70 0.77 -24.81
CA VAL A 97 16.82 0.46 -26.26
C VAL A 97 18.24 -0.08 -26.53
N PHE A 98 19.20 0.36 -25.71
CA PHE A 98 20.62 -0.08 -25.74
C PHE A 98 20.69 -1.53 -25.28
N PHE A 99 20.49 -2.45 -26.21
CA PHE A 99 20.61 -3.93 -25.94
C PHE A 99 21.86 -4.20 -25.10
N GLY A 100 21.81 -5.26 -24.29
CA GLY A 100 23.02 -5.69 -23.56
C GLY A 100 23.23 -4.89 -22.28
N PHE A 101 22.39 -3.88 -22.02
CA PHE A 101 22.36 -3.27 -20.67
C PHE A 101 21.01 -3.47 -19.99
N LYS A 102 21.09 -3.49 -18.66
CA LYS A 102 19.94 -3.63 -17.76
C LYS A 102 19.99 -2.47 -16.79
N GLY A 103 18.85 -1.80 -16.63
CA GLY A 103 18.79 -0.68 -15.67
C GLY A 103 18.66 -1.22 -14.26
N GLY A 104 19.03 -0.36 -13.31
CA GLY A 104 18.75 -0.66 -11.90
C GLY A 104 17.26 -0.65 -11.58
N LYS A 105 16.96 -0.76 -10.29
CA LYS A 105 15.56 -0.98 -9.83
C LYS A 105 14.68 0.23 -10.18
N GLY A 106 15.25 1.43 -10.36
CA GLY A 106 14.52 2.57 -10.97
C GLY A 106 13.84 3.48 -9.97
N VAL A 107 14.21 3.39 -8.68
CA VAL A 107 13.64 4.36 -7.70
C VAL A 107 13.92 5.82 -8.10
N ALA A 108 15.14 6.16 -8.57
CA ALA A 108 15.48 7.59 -8.87
C ALA A 108 14.65 8.09 -10.05
N THR A 109 14.58 7.26 -11.10
CA THR A 109 13.83 7.60 -12.33
C THR A 109 12.34 7.73 -11.98
N ALA A 110 11.81 6.79 -11.21
CA ALA A 110 10.39 6.83 -10.76
C ALA A 110 10.17 8.08 -9.92
N LEU A 111 11.14 8.46 -9.09
CA LEU A 111 10.90 9.65 -8.22
C LEU A 111 10.77 10.90 -9.08
N GLY A 112 11.63 11.06 -10.10
CA GLY A 112 11.53 12.14 -11.10
C GLY A 112 10.16 12.19 -11.75
N VAL A 113 9.61 11.06 -12.22
CA VAL A 113 8.19 11.09 -12.71
C VAL A 113 7.24 11.71 -11.67
N VAL A 114 7.28 11.19 -10.44
CA VAL A 114 6.36 11.65 -9.36
C VAL A 114 6.58 13.14 -9.10
N PHE A 115 7.84 13.59 -9.09
CA PHE A 115 8.14 15.01 -8.79
C PHE A 115 7.55 15.91 -9.88
N ALA A 116 7.53 15.45 -11.15
CA ALA A 116 6.95 16.27 -12.23
C ALA A 116 5.44 16.41 -11.97
N VAL A 117 4.78 15.35 -11.51
CA VAL A 117 3.33 15.35 -11.19
C VAL A 117 3.06 16.19 -9.94
N SER A 118 3.74 15.87 -8.85
CA SER A 118 3.49 16.52 -7.56
C SER A 118 4.77 16.56 -6.74
N PRO A 119 5.49 17.71 -6.69
CA PRO A 119 6.65 17.87 -5.82
C PRO A 119 6.37 17.60 -4.33
N SER A 120 5.18 17.92 -3.83
CA SER A 120 4.74 17.59 -2.44
C SER A 120 4.74 16.08 -2.26
N VAL A 121 4.12 15.32 -3.18
CA VAL A 121 4.09 13.84 -3.06
C VAL A 121 5.54 13.32 -3.07
N ALA A 122 6.39 13.84 -3.97
CA ALA A 122 7.78 13.34 -4.05
C ALA A 122 8.52 13.61 -2.73
N LEU A 123 8.30 14.79 -2.14
CA LEU A 123 9.01 15.13 -0.88
C LEU A 123 8.46 14.25 0.22
N PHE A 124 7.13 14.09 0.31
CA PHE A 124 6.59 13.23 1.39
C PHE A 124 7.04 11.78 1.21
N SER A 125 7.12 11.32 -0.05
CA SER A 125 7.60 9.93 -0.26
C SER A 125 9.06 9.80 0.20
N PHE A 126 9.85 10.85 -0.06
CA PHE A 126 11.27 10.89 0.35
C PHE A 126 11.36 10.86 1.88
N LEU A 127 10.48 11.61 2.56
CA LEU A 127 10.49 11.70 4.05
C LEU A 127 10.14 10.34 4.67
N VAL A 128 9.20 9.61 4.06
CA VAL A 128 8.82 8.23 4.46
C VAL A 128 10.06 7.35 4.30
N TRP A 129 10.65 7.42 3.12
CA TRP A 129 11.91 6.65 2.87
C TRP A 129 12.93 6.92 3.99
N LEU A 130 13.20 8.20 4.26
CA LEU A 130 14.23 8.61 5.27
C LEU A 130 13.83 8.08 6.65
N GLY A 131 12.56 8.21 7.01
CA GLY A 131 12.10 7.70 8.32
C GLY A 131 12.35 6.20 8.48
N ILE A 132 11.93 5.41 7.49
CA ILE A 132 12.05 3.93 7.59
C ILE A 132 13.53 3.54 7.59
N PHE A 133 14.30 4.20 6.72
CA PHE A 133 15.75 3.93 6.60
C PHE A 133 16.46 4.19 7.95
N LEU A 134 16.21 5.34 8.58
CA LEU A 134 16.89 5.68 9.86
C LEU A 134 16.40 4.72 10.96
N TRP A 135 15.15 4.25 10.88
CA TRP A 135 14.57 3.37 11.94
C TRP A 135 15.15 1.95 11.83
N LYS A 136 15.11 1.36 10.64
CA LYS A 136 15.37 -0.10 10.45
C LYS A 136 16.70 -0.35 9.75
N ARG A 137 17.21 0.62 8.98
CA ARG A 137 18.53 0.58 8.30
C ARG A 137 18.56 -0.47 7.18
N TYR A 138 17.39 -0.87 6.66
CA TYR A 138 17.26 -1.57 5.35
C TYR A 138 16.89 -0.58 4.27
N VAL A 139 17.80 -0.45 3.33
CA VAL A 139 17.52 0.36 2.10
C VAL A 139 16.26 -0.15 1.35
N SER A 140 16.20 -1.44 1.02
CA SER A 140 15.10 -2.08 0.29
C SER A 140 13.75 -1.87 1.00
N LEU A 141 13.72 -2.04 2.33
CA LEU A 141 12.46 -1.86 3.08
C LEU A 141 11.95 -0.41 2.93
N ALA A 142 12.82 0.58 3.08
CA ALA A 142 12.50 2.02 2.92
C ALA A 142 11.97 2.26 1.49
N SER A 143 12.66 1.75 0.46
CA SER A 143 12.30 1.99 -0.95
C SER A 143 10.92 1.41 -1.28
N ILE A 144 10.68 0.16 -0.83
CA ILE A 144 9.41 -0.58 -1.10
C ILE A 144 8.27 0.19 -0.44
N THR A 145 8.47 0.54 0.83
CA THR A 145 7.45 1.24 1.63
C THR A 145 7.19 2.64 1.07
N ALA A 146 8.25 3.35 0.68
CA ALA A 146 8.07 4.72 0.14
C ALA A 146 7.36 4.67 -1.24
N THR A 147 7.56 3.58 -1.98
CA THR A 147 6.95 3.44 -3.34
C THR A 147 5.43 3.28 -3.13
N ILE A 148 5.04 2.44 -2.18
CA ILE A 148 3.59 2.25 -1.92
C ILE A 148 3.01 3.54 -1.35
N SER A 149 3.78 4.23 -0.53
CA SER A 149 3.33 5.47 0.13
C SER A 149 3.02 6.53 -0.91
N ALA A 150 3.85 6.64 -1.96
CA ALA A 150 3.64 7.61 -3.03
C ALA A 150 2.28 7.32 -3.67
N PHE A 151 2.00 6.04 -3.92
CA PHE A 151 0.67 5.66 -4.45
C PHE A 151 -0.42 6.13 -3.49
N LEU A 152 -0.25 5.85 -2.19
CA LEU A 152 -1.30 6.24 -1.21
C LEU A 152 -1.48 7.76 -1.18
N PHE A 153 -0.37 8.49 -1.25
CA PHE A 153 -0.50 9.97 -1.14
C PHE A 153 -1.22 10.52 -2.37
N LEU A 154 -0.90 9.97 -3.56
CA LEU A 154 -1.58 10.39 -4.83
C LEU A 154 -3.10 10.09 -4.71
N PHE A 155 -3.44 8.92 -4.15
CA PHE A 155 -4.86 8.49 -3.96
C PHE A 155 -5.56 9.44 -3.00
N VAL A 156 -4.98 9.66 -1.82
CA VAL A 156 -5.63 10.48 -0.76
C VAL A 156 -5.70 11.96 -1.23
N ALA A 157 -4.72 12.41 -2.00
CA ALA A 157 -4.71 13.81 -2.51
C ALA A 157 -5.74 14.04 -3.65
N GLY A 158 -6.33 12.99 -4.24
CA GLY A 158 -7.37 13.17 -5.25
C GLY A 158 -6.84 13.21 -6.67
N TYR A 159 -5.69 12.59 -6.93
CA TYR A 159 -5.18 12.50 -8.32
C TYR A 159 -6.07 11.51 -9.07
N PRO A 160 -6.29 11.78 -10.36
CA PRO A 160 -7.26 11.02 -11.15
C PRO A 160 -6.73 9.64 -11.54
N VAL A 161 -7.64 8.81 -12.02
CA VAL A 161 -7.41 7.38 -12.29
C VAL A 161 -6.21 7.24 -13.22
N ASN A 162 -5.99 8.13 -14.20
CA ASN A 162 -4.85 7.97 -15.14
C ASN A 162 -3.54 8.08 -14.35
N VAL A 163 -3.50 8.95 -13.35
CA VAL A 163 -2.28 9.10 -12.53
C VAL A 163 -2.14 7.90 -11.60
N LEU A 164 -3.22 7.44 -10.99
CA LEU A 164 -3.15 6.29 -10.07
C LEU A 164 -2.76 5.02 -10.84
N PHE A 165 -3.21 4.90 -12.09
CA PHE A 165 -2.84 3.74 -12.93
C PHE A 165 -1.34 3.77 -13.19
N MET A 166 -0.83 4.96 -13.53
CA MET A 166 0.62 5.12 -13.77
C MET A 166 1.36 4.71 -12.49
N ALA A 167 0.89 5.19 -11.35
CA ALA A 167 1.59 4.99 -10.06
C ALA A 167 1.57 3.51 -9.72
N ILE A 168 0.43 2.84 -9.93
N ILE A 168 0.43 2.84 -9.94
CA ILE A 168 0.30 1.40 -9.55
CA ILE A 168 0.33 1.42 -9.54
C ILE A 168 1.23 0.55 -10.42
C ILE A 168 1.25 0.56 -10.42
N VAL A 169 1.26 0.80 -11.73
CA VAL A 169 2.15 0.01 -12.63
C VAL A 169 3.64 0.30 -12.32
N ILE A 170 4.03 1.57 -12.19
CA ILE A 170 5.43 1.91 -11.81
C ILE A 170 5.76 1.27 -10.46
N GLY A 171 4.85 1.43 -9.49
CA GLY A 171 5.01 0.85 -8.15
C GLY A 171 5.22 -0.64 -8.23
N ALA A 172 4.38 -1.32 -9.01
CA ALA A 172 4.41 -2.79 -9.16
C ALA A 172 5.75 -3.24 -9.76
N LEU A 173 6.22 -2.52 -10.78
CA LEU A 173 7.51 -2.83 -11.43
C LEU A 173 8.63 -2.65 -10.38
N ILE A 174 8.65 -1.55 -9.65
CA ILE A 174 9.72 -1.38 -8.60
C ILE A 174 9.66 -2.48 -7.52
N ILE A 175 8.48 -2.86 -7.06
CA ILE A 175 8.37 -3.96 -6.07
C ILE A 175 8.83 -5.29 -6.68
N TYR A 176 8.53 -5.51 -7.95
CA TYR A 176 9.01 -6.71 -8.66
C TYR A 176 10.53 -6.72 -8.76
N ARG A 177 11.15 -5.56 -8.99
CA ARG A 177 12.62 -5.47 -9.07
C ARG A 177 13.26 -5.71 -7.68
N HIS A 178 12.50 -5.52 -6.60
CA HIS A 178 12.94 -5.78 -5.21
C HIS A 178 12.51 -7.18 -4.75
N ARG A 179 12.03 -8.06 -5.63
CA ARG A 179 11.43 -9.35 -5.15
C ARG A 179 12.43 -10.17 -4.30
N GLU A 180 13.72 -10.17 -4.62
CA GLU A 180 14.69 -10.98 -3.85
C GLU A 180 15.00 -10.28 -2.52
N ASN A 181 15.03 -8.94 -2.53
CA ASN A 181 15.13 -8.15 -1.26
C ASN A 181 13.97 -8.57 -0.36
N ILE A 182 12.76 -8.64 -0.91
CA ILE A 182 11.59 -9.07 -0.10
C ILE A 182 11.82 -10.50 0.46
N ASN A 183 12.17 -11.44 -0.40
CA ASN A 183 12.51 -12.81 0.07
C ASN A 183 13.62 -12.77 1.13
N ARG A 184 14.66 -11.93 0.96
CA ARG A 184 15.73 -11.82 1.99
C ARG A 184 15.20 -11.16 3.27
N LEU A 185 14.41 -10.09 3.13
CA LEU A 185 13.89 -9.41 4.35
C LEU A 185 13.11 -10.43 5.21
N LEU A 186 12.35 -11.30 4.55
CA LEU A 186 11.37 -12.19 5.21
C LEU A 186 12.08 -13.41 5.80
N THR A 187 13.34 -13.63 5.42
CA THR A 187 14.13 -14.84 5.84
C THR A 187 15.38 -14.39 6.61
N GLY A 188 15.45 -13.14 7.03
CA GLY A 188 16.61 -12.62 7.81
C GLY A 188 17.94 -12.64 7.05
N ARG A 189 17.92 -12.54 5.72
CA ARG A 189 19.15 -12.51 4.89
C ARG A 189 19.44 -11.13 4.27
N GLU A 190 18.63 -10.09 4.55
CA GLU A 190 18.85 -8.77 3.88
C GLU A 190 19.92 -8.00 4.65
N HIS A 191 20.94 -7.50 3.95
CA HIS A 191 22.03 -6.74 4.63
C HIS A 191 21.52 -5.38 5.11
N ARG A 192 21.83 -5.05 6.35
CA ARG A 192 21.53 -3.73 6.93
C ARG A 192 22.67 -2.74 6.71
N PHE A 193 22.29 -1.48 6.66
CA PHE A 193 23.24 -0.35 6.53
C PHE A 193 23.82 -0.02 7.91
N GLY A 194 25.02 -0.52 8.17
CA GLY A 194 25.66 -0.41 9.48
C GLY A 194 26.86 0.53 9.50
N THR A 195 27.54 0.55 10.64
CA THR A 195 28.67 1.49 10.89
C THR A 195 29.71 1.43 9.77
N LEU A 196 30.10 0.20 9.36
CA LEU A 196 31.13 0.09 8.31
C LEU A 196 30.58 0.69 7.01
N GLU A 197 29.27 0.58 6.77
CA GLU A 197 28.66 1.10 5.50
C GLU A 197 28.54 2.62 5.59
N VAL A 198 28.28 3.15 6.79
CA VAL A 198 28.30 4.63 7.00
C VAL A 198 29.73 5.14 6.77
N LEU A 199 30.75 4.38 7.19
CA LEU A 199 32.11 4.96 7.42
C LEU A 199 33.06 4.61 6.27
N PHE A 200 33.50 3.35 6.19
CA PHE A 200 34.59 2.92 5.27
C PHE A 200 34.25 3.34 3.83
N GLN A 201 32.97 3.40 3.48
CA GLN A 201 32.52 3.81 2.12
C GLN A 201 31.11 4.41 2.19
N GLY B 2 -5.14 -30.68 16.56
CA GLY B 2 -6.57 -30.66 16.93
C GLY B 2 -7.00 -29.34 17.56
N SER B 3 -6.24 -28.84 18.53
CA SER B 3 -6.58 -27.55 19.17
C SER B 3 -6.61 -26.46 18.10
N ALA B 4 -5.74 -26.57 17.10
CA ALA B 4 -5.62 -25.54 16.04
C ALA B 4 -6.89 -25.54 15.17
N LEU B 5 -7.28 -26.72 14.70
CA LEU B 5 -8.52 -26.85 13.88
C LEU B 5 -9.73 -26.34 14.68
N PHE B 6 -9.83 -26.72 15.95
CA PHE B 6 -10.96 -26.26 16.79
C PHE B 6 -10.97 -24.74 16.82
N LEU B 7 -9.81 -24.13 17.08
CA LEU B 7 -9.73 -22.65 17.19
C LEU B 7 -10.16 -22.02 15.86
N VAL B 8 -9.70 -22.55 14.71
CA VAL B 8 -10.04 -21.95 13.38
C VAL B 8 -11.54 -22.11 13.12
N ILE B 9 -12.11 -23.28 13.43
CA ILE B 9 -13.60 -23.47 13.31
C ILE B 9 -14.30 -22.48 14.25
N PHE B 10 -13.84 -22.38 15.51
CA PHE B 10 -14.39 -21.41 16.48
C PHE B 10 -14.39 -19.98 15.89
N ALA B 11 -13.28 -19.57 15.26
CA ALA B 11 -13.14 -18.23 14.65
C ALA B 11 -14.22 -18.02 13.59
N TYR B 12 -14.42 -19.03 12.73
CA TYR B 12 -15.42 -18.93 11.65
C TYR B 12 -16.83 -18.78 12.23
N LEU B 13 -17.11 -19.56 13.27
CA LEU B 13 -18.50 -19.65 13.81
C LEU B 13 -18.79 -18.36 14.59
N LEU B 14 -17.82 -17.93 15.40
CA LEU B 14 -17.93 -16.66 16.17
C LEU B 14 -18.02 -15.51 15.16
N GLY B 15 -17.11 -15.49 14.18
CA GLY B 15 -17.11 -14.46 13.11
C GLY B 15 -18.48 -14.32 12.49
N SER B 16 -19.13 -15.47 12.21
CA SER B 16 -20.48 -15.57 11.61
C SER B 16 -21.55 -14.84 12.43
N ILE B 17 -21.41 -14.67 13.74
CA ILE B 17 -22.55 -14.16 14.58
C ILE B 17 -22.99 -12.77 14.05
N THR B 18 -24.27 -12.67 13.69
CA THR B 18 -24.86 -11.46 13.05
C THR B 18 -25.33 -10.54 14.17
N PHE B 19 -24.38 -10.05 14.99
CA PHE B 19 -24.70 -9.16 16.13
C PHE B 19 -25.51 -7.96 15.67
N GLY B 20 -25.20 -7.37 14.50
CA GLY B 20 -25.96 -6.18 14.05
C GLY B 20 -27.44 -6.47 13.91
N GLU B 21 -27.79 -7.69 13.49
CA GLU B 21 -29.18 -8.04 13.14
C GLU B 21 -29.94 -8.29 14.45
N VAL B 22 -29.27 -8.90 15.42
CA VAL B 22 -29.85 -9.13 16.78
C VAL B 22 -30.20 -7.79 17.40
N ILE B 23 -29.27 -6.84 17.36
CA ILE B 23 -29.56 -5.47 17.88
C ILE B 23 -30.58 -4.75 16.98
N ALA B 24 -30.47 -4.85 15.65
CA ALA B 24 -31.42 -4.14 14.76
C ALA B 24 -32.86 -4.65 14.98
N LYS B 25 -33.06 -5.96 15.06
CA LYS B 25 -34.44 -6.51 15.21
C LYS B 25 -35.12 -5.96 16.47
N LEU B 26 -34.34 -5.74 17.54
CA LEU B 26 -34.86 -5.17 18.83
C LEU B 26 -35.28 -3.72 18.64
N LYS B 27 -34.89 -3.10 17.53
CA LYS B 27 -35.28 -1.72 17.22
C LYS B 27 -36.33 -1.78 16.12
N GLY B 28 -36.77 -3.00 15.74
CA GLY B 28 -37.82 -3.21 14.72
C GLY B 28 -37.30 -3.08 13.30
N VAL B 29 -36.00 -3.34 13.14
CA VAL B 29 -35.32 -3.20 11.82
C VAL B 29 -34.76 -4.55 11.41
N ASP B 30 -35.05 -4.92 10.16
CA ASP B 30 -34.35 -6.02 9.49
C ASP B 30 -33.28 -5.37 8.62
N LEU B 31 -32.00 -5.58 8.97
CA LEU B 31 -30.89 -4.94 8.23
C LEU B 31 -30.87 -5.34 6.76
N ARG B 32 -31.46 -6.49 6.41
CA ARG B 32 -31.53 -6.91 4.99
C ARG B 32 -32.40 -5.94 4.17
N ASN B 33 -33.27 -5.16 4.83
CA ASN B 33 -34.23 -4.27 4.10
C ASN B 33 -33.88 -2.80 4.42
N VAL B 34 -32.61 -2.48 4.65
CA VAL B 34 -32.22 -1.04 4.76
C VAL B 34 -30.77 -0.86 4.34
N GLY B 35 -30.42 0.34 3.88
CA GLY B 35 -29.00 0.64 3.60
C GLY B 35 -28.43 -0.32 2.57
N SER B 36 -27.32 -0.97 2.92
CA SER B 36 -26.56 -1.95 2.08
C SER B 36 -27.24 -3.32 2.06
N GLY B 37 -28.16 -3.59 3.01
CA GLY B 37 -28.73 -4.94 3.20
C GLY B 37 -27.78 -5.85 3.98
N ASN B 38 -26.63 -5.33 4.41
CA ASN B 38 -25.61 -6.15 5.11
C ASN B 38 -25.72 -6.05 6.63
N VAL B 39 -25.06 -6.99 7.34
CA VAL B 39 -25.00 -6.97 8.82
C VAL B 39 -23.60 -6.56 9.32
N GLY B 40 -23.50 -5.35 9.85
CA GLY B 40 -22.28 -4.86 10.51
C GLY B 40 -22.48 -3.47 11.08
N ALA B 41 -21.40 -2.85 11.56
CA ALA B 41 -21.46 -1.55 12.26
C ALA B 41 -21.92 -0.45 11.31
N THR B 42 -21.45 -0.47 10.05
CA THR B 42 -21.88 0.57 9.10
C THR B 42 -23.42 0.54 8.88
N ASN B 43 -23.97 -0.64 8.55
CA ASN B 43 -25.40 -0.67 8.21
C ASN B 43 -26.27 -0.39 9.45
N VAL B 44 -25.81 -0.78 10.65
CA VAL B 44 -26.47 -0.45 11.94
C VAL B 44 -26.44 1.09 12.13
N THR B 45 -25.30 1.74 11.85
CA THR B 45 -25.21 3.22 11.96
C THR B 45 -26.22 3.84 10.99
N ARG B 46 -26.28 3.34 9.75
CA ARG B 46 -27.24 3.88 8.74
C ARG B 46 -28.69 3.74 9.26
N ALA B 47 -29.01 2.68 10.02
CA ALA B 47 -30.44 2.40 10.34
C ALA B 47 -30.78 2.96 11.72
N LEU B 48 -29.87 2.81 12.66
CA LEU B 48 -30.22 2.94 14.10
C LEU B 48 -29.52 4.18 14.65
N GLY B 49 -28.53 4.69 13.90
CA GLY B 49 -27.67 5.79 14.37
C GLY B 49 -26.41 5.34 15.11
N LYS B 50 -25.63 6.33 15.52
CA LYS B 50 -24.20 6.16 15.86
C LYS B 50 -24.04 5.42 17.20
N LYS B 51 -24.91 5.64 18.18
CA LYS B 51 -24.81 4.92 19.47
C LYS B 51 -24.78 3.40 19.18
N TYR B 52 -25.75 2.93 18.41
CA TYR B 52 -25.86 1.47 18.13
C TYR B 52 -24.72 1.05 17.20
N GLY B 53 -24.32 1.95 16.30
CA GLY B 53 -23.16 1.72 15.42
C GLY B 53 -21.90 1.42 16.21
N VAL B 54 -21.59 2.25 17.20
CA VAL B 54 -20.35 2.10 18.02
C VAL B 54 -20.42 0.75 18.75
N LEU B 55 -21.61 0.37 19.23
CA LEU B 55 -21.80 -0.92 19.96
C LEU B 55 -21.51 -2.11 19.03
N VAL B 56 -22.08 -2.10 17.82
CA VAL B 56 -21.88 -3.25 16.87
C VAL B 56 -20.42 -3.19 16.38
N PHE B 57 -19.82 -2.00 16.30
CA PHE B 57 -18.39 -1.90 15.91
C PHE B 57 -17.55 -2.67 16.92
N PHE B 58 -17.83 -2.47 18.21
CA PHE B 58 -17.11 -3.17 19.30
C PHE B 58 -17.37 -4.69 19.26
N LEU B 59 -18.62 -5.13 19.13
CA LEU B 59 -18.89 -6.58 19.06
C LEU B 59 -18.20 -7.20 17.85
N ASP B 60 -18.23 -6.51 16.71
CA ASP B 60 -17.53 -7.04 15.49
C ASP B 60 -16.02 -7.05 15.73
N PHE B 61 -15.50 -6.03 16.38
CA PHE B 61 -14.06 -6.01 16.75
C PHE B 61 -13.74 -7.26 17.58
N LEU B 62 -14.62 -7.60 18.54
CA LEU B 62 -14.37 -8.72 19.47
C LEU B 62 -14.43 -10.05 18.69
N LYS B 63 -15.23 -10.10 17.63
CA LYS B 63 -15.31 -11.32 16.80
C LYS B 63 -13.94 -11.59 16.18
N GLY B 64 -13.16 -10.54 15.96
CA GLY B 64 -11.84 -10.77 15.36
C GLY B 64 -10.75 -10.83 16.42
N PHE B 65 -10.85 -10.02 17.47
CA PHE B 65 -9.86 -9.95 18.56
C PHE B 65 -9.78 -11.24 19.38
N ILE B 66 -10.92 -11.83 19.74
CA ILE B 66 -10.89 -12.93 20.75
C ILE B 66 -10.21 -14.17 20.16
N PRO B 67 -10.60 -14.65 18.97
CA PRO B 67 -9.96 -15.85 18.44
C PRO B 67 -8.47 -15.61 18.12
N ALA B 68 -8.13 -14.48 17.51
CA ALA B 68 -6.71 -14.15 17.20
C ALA B 68 -5.89 -14.02 18.49
N LEU B 69 -6.46 -13.44 19.56
CA LEU B 69 -5.70 -13.37 20.83
C LEU B 69 -5.38 -14.78 21.29
N ILE B 70 -6.35 -15.69 21.15
CA ILE B 70 -6.15 -17.10 21.58
C ILE B 70 -4.99 -17.68 20.77
N ALA B 71 -4.99 -17.44 19.46
CA ALA B 71 -3.95 -17.94 18.53
C ALA B 71 -2.57 -17.42 18.93
N VAL B 72 -2.52 -16.14 19.33
CA VAL B 72 -1.23 -15.45 19.60
C VAL B 72 -0.69 -16.09 20.87
N LYS B 73 -1.59 -16.28 21.84
CA LYS B 73 -1.15 -16.72 23.20
C LYS B 73 -0.83 -18.21 23.17
N SER B 74 -1.59 -18.99 22.40
CA SER B 74 -1.54 -20.49 22.38
C SER B 74 -0.53 -21.05 21.38
N PHE B 75 -0.34 -20.38 20.23
CA PHE B 75 0.49 -20.91 19.12
C PHE B 75 1.64 -19.95 18.76
N GLY B 76 1.45 -18.64 18.95
CA GLY B 76 2.52 -17.65 18.64
C GLY B 76 2.25 -16.77 17.43
N ILE B 77 2.87 -15.58 17.45
CA ILE B 77 2.88 -14.61 16.31
C ILE B 77 3.35 -15.28 15.02
N ASP B 78 4.40 -16.13 15.06
CA ASP B 78 4.96 -16.72 13.82
C ASP B 78 4.19 -18.01 13.46
N SER B 79 3.06 -18.30 14.10
CA SER B 79 2.26 -19.52 13.76
C SER B 79 1.25 -19.24 12.66
N TRP B 80 1.19 -20.13 11.66
CA TRP B 80 0.11 -20.12 10.62
C TRP B 80 -1.27 -20.40 11.21
N VAL B 81 -1.33 -20.91 12.45
CA VAL B 81 -2.63 -21.03 13.16
C VAL B 81 -3.22 -19.63 13.34
N LEU B 82 -2.37 -18.66 13.70
CA LEU B 82 -2.82 -17.26 13.83
C LEU B 82 -3.33 -16.77 12.47
N THR B 83 -2.63 -17.16 11.39
CA THR B 83 -2.96 -16.68 10.03
C THR B 83 -4.37 -17.15 9.63
N PHE B 84 -4.62 -18.45 9.81
CA PHE B 84 -5.91 -19.04 9.39
C PHE B 84 -7.02 -18.58 10.34
N THR B 85 -6.71 -18.38 11.62
CA THR B 85 -7.73 -17.97 12.61
C THR B 85 -8.30 -16.58 12.25
N GLY B 86 -7.41 -15.61 12.06
CA GLY B 86 -7.84 -14.24 11.76
C GLY B 86 -8.61 -14.22 10.47
N LEU B 87 -8.13 -14.96 9.48
CA LEU B 87 -8.86 -15.03 8.19
C LEU B 87 -10.27 -15.61 8.42
N ALA B 88 -10.37 -16.66 9.27
CA ALA B 88 -11.66 -17.32 9.57
C ALA B 88 -12.64 -16.36 10.26
N SER B 89 -12.18 -15.51 11.19
CA SER B 89 -13.04 -14.44 11.75
C SER B 89 -13.54 -13.50 10.66
N VAL B 90 -12.64 -13.09 9.77
CA VAL B 90 -13.01 -12.03 8.78
C VAL B 90 -13.97 -12.69 7.76
N LEU B 91 -13.66 -13.92 7.36
CA LEU B 91 -14.47 -14.69 6.38
C LEU B 91 -15.83 -15.06 7.00
N GLY B 92 -15.85 -15.48 8.25
CA GLY B 92 -17.13 -15.73 8.95
C GLY B 92 -17.98 -14.48 9.02
N HIS B 93 -17.35 -13.33 9.31
CA HIS B 93 -18.12 -12.06 9.38
C HIS B 93 -18.72 -11.74 8.01
N MET B 94 -17.91 -11.83 6.96
CA MET B 94 -18.47 -11.41 5.65
C MET B 94 -19.47 -12.44 5.10
N TYR B 95 -19.21 -13.72 5.34
CA TYR B 95 -19.91 -14.86 4.65
C TYR B 95 -20.39 -15.82 5.73
N PRO B 96 -21.35 -15.39 6.57
CA PRO B 96 -21.67 -16.11 7.80
C PRO B 96 -22.38 -17.46 7.57
N VAL B 97 -22.13 -18.41 8.48
CA VAL B 97 -22.75 -19.78 8.46
C VAL B 97 -24.28 -19.62 8.52
N PHE B 98 -24.73 -18.48 9.05
CA PHE B 98 -26.16 -18.12 9.14
C PHE B 98 -26.67 -17.76 7.74
N PHE B 99 -27.26 -18.76 7.08
CA PHE B 99 -27.76 -18.64 5.69
C PHE B 99 -28.68 -17.41 5.58
N GLY B 100 -28.59 -16.68 4.47
CA GLY B 100 -29.52 -15.55 4.25
C GLY B 100 -29.06 -14.28 4.96
N PHE B 101 -27.83 -14.24 5.51
CA PHE B 101 -27.27 -12.91 5.87
C PHE B 101 -25.92 -12.71 5.18
N LYS B 102 -25.61 -11.44 4.89
CA LYS B 102 -24.28 -11.06 4.35
C LYS B 102 -23.67 -10.11 5.36
N GLY B 103 -22.37 -10.24 5.63
CA GLY B 103 -21.66 -9.34 6.54
C GLY B 103 -21.40 -8.00 5.89
N GLY B 104 -21.25 -6.97 6.73
CA GLY B 104 -20.71 -5.67 6.31
C GLY B 104 -19.27 -5.79 5.83
N LYS B 105 -18.63 -4.64 5.55
CA LYS B 105 -17.34 -4.65 4.80
C LYS B 105 -16.19 -5.20 5.65
N GLY B 106 -16.35 -5.36 6.98
CA GLY B 106 -15.39 -6.09 7.81
C GLY B 106 -14.26 -5.26 8.43
N VAL B 107 -14.34 -3.93 8.38
CA VAL B 107 -13.24 -3.07 8.94
C VAL B 107 -13.12 -3.28 10.45
N ALA B 108 -14.23 -3.19 11.18
CA ALA B 108 -14.18 -3.46 12.65
C ALA B 108 -13.62 -4.87 12.93
N THR B 109 -14.10 -5.91 12.23
CA THR B 109 -13.68 -7.30 12.53
C THR B 109 -12.17 -7.45 12.29
N ALA B 110 -11.68 -6.98 11.15
CA ALA B 110 -10.25 -6.98 10.79
C ALA B 110 -9.42 -6.21 11.83
N LEU B 111 -9.87 -5.05 12.27
CA LEU B 111 -9.15 -4.23 13.28
C LEU B 111 -9.01 -5.06 14.57
N GLY B 112 -10.01 -5.87 14.88
CA GLY B 112 -9.92 -6.77 16.07
C GLY B 112 -8.80 -7.77 15.89
N VAL B 113 -8.70 -8.40 14.70
CA VAL B 113 -7.56 -9.29 14.39
C VAL B 113 -6.22 -8.53 14.49
N VAL B 114 -6.12 -7.37 13.86
CA VAL B 114 -4.83 -6.62 13.91
C VAL B 114 -4.51 -6.21 15.35
N PHE B 115 -5.52 -5.80 16.12
CA PHE B 115 -5.26 -5.41 17.55
C PHE B 115 -4.68 -6.59 18.34
N ALA B 116 -5.14 -7.82 18.07
CA ALA B 116 -4.66 -9.04 18.78
C ALA B 116 -3.17 -9.24 18.50
N VAL B 117 -2.77 -8.89 17.28
CA VAL B 117 -1.37 -9.09 16.85
C VAL B 117 -0.49 -7.97 17.40
N SER B 118 -0.97 -6.72 17.30
CA SER B 118 -0.21 -5.55 17.76
C SER B 118 -1.18 -4.41 18.05
N PRO B 119 -1.43 -4.05 19.32
CA PRO B 119 -2.18 -2.83 19.62
C PRO B 119 -1.58 -1.56 19.00
N SER B 120 -0.25 -1.48 18.93
CA SER B 120 0.45 -0.32 18.32
C SER B 120 0.07 -0.22 16.84
N VAL B 121 0.08 -1.36 16.13
CA VAL B 121 -0.26 -1.24 14.69
C VAL B 121 -1.74 -0.84 14.55
N ALA B 122 -2.63 -1.42 15.36
CA ALA B 122 -4.05 -1.02 15.33
C ALA B 122 -4.20 0.48 15.62
N LEU B 123 -3.42 1.03 16.56
CA LEU B 123 -3.55 2.48 16.93
C LEU B 123 -3.10 3.35 15.77
N PHE B 124 -1.93 3.03 15.22
CA PHE B 124 -1.40 3.84 14.10
C PHE B 124 -2.35 3.80 12.90
N SER B 125 -2.95 2.63 12.65
CA SER B 125 -3.95 2.46 11.56
C SER B 125 -5.16 3.37 11.79
N PHE B 126 -5.57 3.47 13.05
CA PHE B 126 -6.72 4.30 13.44
C PHE B 126 -6.37 5.79 13.24
N LEU B 127 -5.16 6.19 13.63
CA LEU B 127 -4.70 7.60 13.45
C LEU B 127 -4.61 7.94 11.95
N VAL B 128 -4.16 7.01 11.12
CA VAL B 128 -4.13 7.18 9.63
C VAL B 128 -5.58 7.39 9.19
N TRP B 129 -6.48 6.54 9.69
CA TRP B 129 -7.91 6.65 9.32
C TRP B 129 -8.44 8.04 9.72
N LEU B 130 -8.26 8.39 10.98
CA LEU B 130 -8.74 9.71 11.50
C LEU B 130 -8.17 10.87 10.68
N GLY B 131 -6.87 10.87 10.41
CA GLY B 131 -6.25 11.96 9.64
C GLY B 131 -6.87 12.12 8.28
N ILE B 132 -7.07 10.99 7.58
CA ILE B 132 -7.55 11.01 6.17
C ILE B 132 -9.03 11.41 6.20
N PHE B 133 -9.75 10.89 7.19
CA PHE B 133 -11.20 11.19 7.35
C PHE B 133 -11.36 12.70 7.65
N LEU B 134 -10.59 13.23 8.60
CA LEU B 134 -10.68 14.69 8.95
C LEU B 134 -10.28 15.54 7.73
N TRP B 135 -9.24 15.14 6.99
CA TRP B 135 -8.70 15.92 5.84
C TRP B 135 -9.70 15.98 4.70
N LYS B 136 -10.19 14.84 4.21
CA LYS B 136 -11.01 14.78 2.95
C LYS B 136 -12.47 14.38 3.20
N ARG B 137 -12.82 13.84 4.38
CA ARG B 137 -14.21 13.53 4.81
C ARG B 137 -14.89 12.45 3.94
N TYR B 138 -14.12 11.55 3.35
CA TYR B 138 -14.66 10.30 2.74
C TYR B 138 -14.39 9.16 3.69
N VAL B 139 -15.44 8.51 4.18
CA VAL B 139 -15.24 7.31 5.05
C VAL B 139 -14.44 6.26 4.25
N SER B 140 -14.85 5.95 3.03
CA SER B 140 -14.23 4.83 2.32
C SER B 140 -12.75 5.13 2.07
N LEU B 141 -12.40 6.37 1.68
CA LEU B 141 -10.98 6.74 1.38
C LEU B 141 -10.14 6.44 2.62
N ALA B 142 -10.64 6.80 3.77
CA ALA B 142 -9.88 6.65 5.04
C ALA B 142 -9.72 5.16 5.32
N SER B 143 -10.77 4.38 5.10
CA SER B 143 -10.80 2.93 5.41
C SER B 143 -9.81 2.19 4.51
N ILE B 144 -9.89 2.47 3.23
CA ILE B 144 -9.00 1.78 2.27
C ILE B 144 -7.56 2.15 2.60
N THR B 145 -7.29 3.43 2.84
CA THR B 145 -5.88 3.89 3.07
C THR B 145 -5.34 3.27 4.37
N ALA B 146 -6.12 3.35 5.44
CA ALA B 146 -5.73 2.81 6.76
C ALA B 146 -5.47 1.28 6.71
N THR B 147 -6.25 0.57 5.91
CA THR B 147 -6.14 -0.90 5.69
C THR B 147 -4.78 -1.16 5.04
N ILE B 148 -4.46 -0.39 4.00
CA ILE B 148 -3.14 -0.57 3.33
C ILE B 148 -2.03 -0.11 4.27
N SER B 149 -2.19 1.01 4.97
CA SER B 149 -1.18 1.42 5.98
C SER B 149 -0.97 0.33 7.06
N ALA B 150 -2.00 -0.42 7.50
CA ALA B 150 -1.86 -1.47 8.55
C ALA B 150 -0.86 -2.54 8.06
N PHE B 151 -1.05 -2.93 6.81
CA PHE B 151 -0.06 -3.84 6.18
C PHE B 151 1.34 -3.22 6.22
N LEU B 152 1.51 -1.96 5.81
CA LEU B 152 2.86 -1.33 5.71
C LEU B 152 3.48 -1.27 7.10
N PHE B 153 2.67 -0.98 8.12
CA PHE B 153 3.19 -0.90 9.51
C PHE B 153 3.66 -2.31 9.93
N LEU B 154 2.92 -3.37 9.56
CA LEU B 154 3.32 -4.75 9.97
C LEU B 154 4.62 -5.13 9.25
N PHE B 155 4.68 -4.74 7.99
CA PHE B 155 5.89 -5.04 7.19
C PHE B 155 7.11 -4.33 7.79
N VAL B 156 7.02 -3.02 8.01
CA VAL B 156 8.23 -2.26 8.40
C VAL B 156 8.64 -2.69 9.80
N ALA B 157 7.67 -2.96 10.67
CA ALA B 157 7.99 -3.35 12.07
C ALA B 157 8.60 -4.75 12.16
N GLY B 158 8.72 -5.46 11.03
CA GLY B 158 9.38 -6.78 11.01
C GLY B 158 8.47 -7.96 11.31
N TYR B 159 7.16 -7.87 11.09
CA TYR B 159 6.27 -9.01 11.40
C TYR B 159 6.50 -10.12 10.38
N PRO B 160 6.40 -11.40 10.81
CA PRO B 160 6.76 -12.52 9.95
C PRO B 160 5.82 -12.73 8.76
N VAL B 161 6.31 -13.46 7.75
CA VAL B 161 5.56 -13.68 6.50
C VAL B 161 4.16 -14.26 6.82
N ASN B 162 3.97 -15.08 7.87
CA ASN B 162 2.60 -15.63 8.10
C ASN B 162 1.64 -14.50 8.50
N VAL B 163 2.16 -13.46 9.15
CA VAL B 163 1.31 -12.31 9.59
C VAL B 163 1.07 -11.41 8.40
N LEU B 164 2.09 -11.27 7.57
CA LEU B 164 1.96 -10.43 6.37
C LEU B 164 0.99 -11.13 5.39
N PHE B 165 1.04 -12.46 5.30
CA PHE B 165 0.08 -13.15 4.40
C PHE B 165 -1.35 -12.90 4.89
N MET B 166 -1.58 -13.15 6.19
CA MET B 166 -2.90 -12.89 6.80
C MET B 166 -3.34 -11.46 6.44
N ALA B 167 -2.44 -10.48 6.64
CA ALA B 167 -2.82 -9.06 6.47
C ALA B 167 -3.07 -8.72 5.00
N ILE B 168 -2.30 -9.29 4.08
CA ILE B 168 -2.49 -8.98 2.64
C ILE B 168 -3.84 -9.54 2.20
N VAL B 169 -4.21 -10.75 2.66
CA VAL B 169 -5.47 -11.40 2.24
C VAL B 169 -6.67 -10.67 2.88
N ILE B 170 -6.62 -10.41 4.18
CA ILE B 170 -7.71 -9.61 4.82
C ILE B 170 -7.85 -8.25 4.11
N GLY B 171 -6.72 -7.59 3.79
CA GLY B 171 -6.76 -6.24 3.22
C GLY B 171 -7.30 -6.27 1.80
N ALA B 172 -6.91 -7.30 1.04
CA ALA B 172 -7.48 -7.54 -0.30
C ALA B 172 -9.00 -7.76 -0.19
N LEU B 173 -9.46 -8.53 0.81
CA LEU B 173 -10.92 -8.77 0.94
C LEU B 173 -11.62 -7.44 1.26
N ILE B 174 -11.01 -6.65 2.15
CA ILE B 174 -11.60 -5.34 2.55
C ILE B 174 -11.63 -4.42 1.35
N ILE B 175 -10.54 -4.35 0.60
CA ILE B 175 -10.51 -3.47 -0.62
C ILE B 175 -11.59 -3.93 -1.59
N TYR B 176 -11.69 -5.25 -1.80
CA TYR B 176 -12.72 -5.82 -2.69
C TYR B 176 -14.12 -5.41 -2.24
N ARG B 177 -14.38 -5.40 -0.92
CA ARG B 177 -15.71 -4.98 -0.43
C ARG B 177 -15.97 -3.48 -0.74
N HIS B 178 -14.92 -2.67 -0.91
CA HIS B 178 -15.00 -1.22 -1.18
C HIS B 178 -14.85 -0.93 -2.68
N ARG B 179 -15.00 -1.95 -3.53
CA ARG B 179 -14.78 -1.72 -4.99
C ARG B 179 -15.73 -0.64 -5.52
N GLU B 180 -16.98 -0.58 -5.06
CA GLU B 180 -17.94 0.39 -5.65
C GLU B 180 -17.59 1.78 -5.09
N ASN B 181 -17.10 1.83 -3.85
CA ASN B 181 -16.61 3.11 -3.29
C ASN B 181 -15.44 3.61 -4.13
N ILE B 182 -14.58 2.69 -4.57
CA ILE B 182 -13.38 3.13 -5.31
C ILE B 182 -13.88 3.71 -6.63
N ASN B 183 -14.83 3.03 -7.26
CA ASN B 183 -15.45 3.49 -8.54
C ASN B 183 -16.01 4.91 -8.38
N ARG B 184 -16.79 5.15 -7.33
CA ARG B 184 -17.43 6.48 -7.06
C ARG B 184 -16.37 7.53 -6.72
N LEU B 185 -15.40 7.16 -5.90
CA LEU B 185 -14.32 8.13 -5.56
C LEU B 185 -13.62 8.62 -6.86
N LEU B 186 -13.33 7.72 -7.82
CA LEU B 186 -12.54 8.09 -9.04
C LEU B 186 -13.44 8.80 -10.07
N THR B 187 -14.73 8.89 -9.78
CA THR B 187 -15.69 9.48 -10.77
C THR B 187 -16.46 10.62 -10.11
N GLY B 188 -16.01 11.08 -8.95
CA GLY B 188 -16.62 12.24 -8.26
C GLY B 188 -18.00 11.93 -7.71
N ARG B 189 -18.31 10.64 -7.49
CA ARG B 189 -19.67 10.19 -7.08
C ARG B 189 -19.73 9.68 -5.64
N GLU B 190 -18.61 9.71 -4.91
CA GLU B 190 -18.64 9.29 -3.48
C GLU B 190 -19.09 10.48 -2.63
N HIS B 191 -20.06 10.25 -1.75
CA HIS B 191 -20.57 11.30 -0.85
C HIS B 191 -19.55 11.50 0.26
N ARG B 192 -19.32 12.77 0.60
CA ARG B 192 -18.50 13.16 1.77
C ARG B 192 -19.40 13.24 3.00
N PHE B 193 -18.79 12.99 4.14
CA PHE B 193 -19.40 13.25 5.46
C PHE B 193 -19.41 14.76 5.66
N GLY B 194 -20.60 15.33 5.74
CA GLY B 194 -20.69 16.79 5.82
C GLY B 194 -21.57 17.24 6.96
N THR B 195 -21.78 18.54 7.05
CA THR B 195 -22.57 19.18 8.15
C THR B 195 -23.90 18.45 8.37
N LEU B 196 -24.66 18.18 7.28
CA LEU B 196 -26.06 17.66 7.40
C LEU B 196 -26.05 16.36 8.21
N GLU B 197 -24.88 15.74 8.35
CA GLU B 197 -24.79 14.47 9.14
C GLU B 197 -25.04 14.75 10.63
N VAL B 198 -25.17 16.02 11.05
CA VAL B 198 -25.51 16.39 12.47
C VAL B 198 -26.94 15.96 12.79
N LEU B 199 -27.89 16.28 11.90
CA LEU B 199 -29.28 15.77 12.00
C LEU B 199 -29.24 14.24 11.96
N PHE B 200 -28.59 13.67 10.93
CA PHE B 200 -28.51 12.20 10.74
C PHE B 200 -27.90 11.54 11.99
N GLN B 201 -26.78 12.08 12.48
CA GLN B 201 -26.07 11.54 13.67
C GLN B 201 -25.73 10.06 13.45
#